data_8B5A
#
_entry.id   8B5A
#
_cell.length_a   79.610
_cell.length_b   79.610
_cell.length_c   95.300
_cell.angle_alpha   90.000
_cell.angle_beta   90.000
_cell.angle_gamma   120.000
#
_symmetry.space_group_name_H-M   'P 61 2 2'
#
loop_
_entity.id
_entity.type
_entity.pdbx_description
1 polymer 'Bromodomain-containing protein 3'
2 polymer H4K20ApmTri
3 water water
#
loop_
_entity_poly.entity_id
_entity_poly.type
_entity_poly.pdbx_seq_one_letter_code
_entity_poly.pdbx_strand_id
1 'polypeptide(L)'
;KLSEHLRYCDSILREMLSKKHAAYAWPFYKPVDAEALELHDYHDIIKHPMDLSTVKRKMDGREYPDAQGFAADVRLMFSN
CYKYNPPDHEVVAMARKLQDVFEMRFAKMP
;
A
2 'polypeptide(L)' HR(P1V)VLRDNY B
#
# COMPACT_ATOMS: atom_id res chain seq x y z
N LYS A 1 -22.25 -1.19 -7.46
CA LYS A 1 -22.18 0.20 -7.89
C LYS A 1 -20.81 0.53 -8.49
N LEU A 2 -19.97 -0.50 -8.62
CA LEU A 2 -18.61 -0.34 -9.09
C LEU A 2 -18.53 -0.50 -10.61
N SER A 3 -17.69 0.34 -11.23
CA SER A 3 -17.36 0.20 -12.65
C SER A 3 -16.77 -1.17 -12.93
N GLU A 4 -16.75 -1.59 -14.21
CA GLU A 4 -15.98 -2.78 -14.56
C GLU A 4 -14.51 -2.62 -14.18
N HIS A 5 -13.98 -1.41 -14.32
CA HIS A 5 -12.57 -1.19 -14.02
C HIS A 5 -12.29 -1.26 -12.52
N LEU A 6 -13.15 -0.62 -11.72
CA LEU A 6 -12.91 -0.64 -10.27
C LEU A 6 -13.26 -1.98 -9.65
N ARG A 7 -14.15 -2.75 -10.27
CA ARG A 7 -14.32 -4.14 -9.87
C ARG A 7 -13.04 -4.92 -10.08
N TYR A 8 -12.37 -4.71 -11.22
CA TYR A 8 -11.07 -5.34 -11.45
C TYR A 8 -10.05 -4.84 -10.43
N CYS A 9 -10.07 -3.54 -10.14
CA CYS A 9 -9.18 -2.98 -9.11
C CYS A 9 -9.44 -3.62 -7.76
N ASP A 10 -10.71 -3.88 -7.43
CA ASP A 10 -11.03 -4.51 -6.16
C ASP A 10 -10.45 -5.91 -6.10
N SER A 11 -10.43 -6.63 -7.23
CA SER A 11 -9.82 -7.95 -7.26
C SER A 11 -8.31 -7.87 -7.12
N ILE A 12 -7.67 -6.80 -7.63
CA ILE A 12 -6.25 -6.60 -7.36
C ILE A 12 -6.02 -6.40 -5.87
N LEU A 13 -6.88 -5.61 -5.23
CA LEU A 13 -6.73 -5.35 -3.81
C LEU A 13 -6.89 -6.63 -3.01
N ARG A 14 -7.88 -7.47 -3.37
CA ARG A 14 -8.07 -8.73 -2.67
C ARG A 14 -6.84 -9.62 -2.82
N GLU A 15 -6.20 -9.61 -3.99
CA GLU A 15 -5.01 -10.41 -4.17
C GLU A 15 -3.84 -9.89 -3.32
N MET A 16 -3.66 -8.57 -3.29
CA MET A 16 -2.57 -8.01 -2.49
C MET A 16 -2.74 -8.30 -1.00
N LEU A 17 -3.96 -8.56 -0.55
CA LEU A 17 -4.24 -8.86 0.85
C LEU A 17 -4.30 -10.34 1.14
N SER A 18 -3.94 -11.18 0.17
CA SER A 18 -4.06 -12.63 0.33
C SER A 18 -2.76 -13.21 0.88
N LYS A 19 -2.89 -14.39 1.51
CA LYS A 19 -1.75 -15.03 2.14
C LYS A 19 -0.61 -15.29 1.15
N LYS A 20 -0.94 -15.39 -0.14
CA LYS A 20 0.04 -15.57 -1.20
C LYS A 20 1.17 -14.55 -1.11
N HIS A 21 0.84 -13.28 -0.87
CA HIS A 21 1.82 -12.23 -0.84
C HIS A 21 2.17 -11.74 0.56
N ALA A 22 1.70 -12.44 1.61
CA ALA A 22 1.82 -11.93 2.97
C ALA A 22 3.27 -11.65 3.37
N ALA A 23 4.21 -12.45 2.88
CA ALA A 23 5.61 -12.32 3.30
C ALA A 23 6.15 -10.92 3.05
N TYR A 24 5.71 -10.25 1.99
CA TYR A 24 6.14 -8.89 1.72
C TYR A 24 5.02 -7.86 1.79
N ALA A 25 3.76 -8.28 1.83
CA ALA A 25 2.66 -7.32 1.86
C ALA A 25 2.25 -6.90 3.27
N TRP A 26 2.59 -7.68 4.30
CA TRP A 26 2.04 -7.41 5.62
C TRP A 26 2.38 -6.03 6.19
N PRO A 27 3.55 -5.41 5.94
CA PRO A 27 3.74 -4.07 6.50
C PRO A 27 2.78 -3.02 5.96
N PHE A 28 2.08 -3.32 4.86
CA PHE A 28 1.13 -2.40 4.24
C PHE A 28 -0.32 -2.71 4.58
N TYR A 29 -0.57 -3.77 5.35
CA TYR A 29 -1.94 -4.15 5.68
C TYR A 29 -2.68 -3.03 6.40
N LYS A 30 -2.03 -2.37 7.35
CA LYS A 30 -2.61 -1.35 8.21
C LYS A 30 -1.78 -0.09 8.11
N PRO A 31 -2.29 1.05 8.58
CA PRO A 31 -1.46 2.27 8.58
C PRO A 31 -0.17 2.06 9.34
N VAL A 32 0.89 2.69 8.84
CA VAL A 32 2.18 2.64 9.53
C VAL A 32 2.00 3.09 10.97
N ASP A 33 2.45 2.26 11.90
CA ASP A 33 2.27 2.49 13.34
C ASP A 33 3.50 3.20 13.87
N ALA A 34 3.54 4.52 13.65
CA ALA A 34 4.69 5.29 14.10
C ALA A 34 4.86 5.24 15.61
N GLU A 35 3.76 5.06 16.34
CA GLU A 35 3.85 4.92 17.78
C GLU A 35 4.59 3.64 18.16
N ALA A 36 4.11 2.50 17.66
CA ALA A 36 4.73 1.23 18.04
C ALA A 36 6.16 1.13 17.52
N LEU A 37 6.40 1.64 16.31
CA LEU A 37 7.72 1.62 15.71
C LEU A 37 8.63 2.76 16.18
N GLU A 38 8.13 3.64 17.06
CA GLU A 38 8.90 4.74 17.62
C GLU A 38 9.50 5.63 16.53
N LEU A 39 8.71 5.89 15.49
CA LEU A 39 9.14 6.71 14.36
C LEU A 39 8.58 8.11 14.58
N HIS A 40 9.26 8.88 15.42
CA HIS A 40 8.72 10.15 15.87
C HIS A 40 8.68 11.21 14.78
N ASP A 41 9.34 10.97 13.65
CA ASP A 41 9.34 11.89 12.53
C ASP A 41 8.51 11.41 11.35
N TYR A 42 7.83 10.27 11.48
CA TYR A 42 7.18 9.68 10.32
C TYR A 42 6.09 10.59 9.75
N HIS A 43 5.29 11.20 10.62
CA HIS A 43 4.21 12.05 10.16
C HIS A 43 4.67 13.46 9.82
N ASP A 44 5.95 13.77 10.09
CA ASP A 44 6.52 14.99 9.53
C ASP A 44 7.01 14.79 8.10
N ILE A 45 7.55 13.60 7.81
CA ILE A 45 8.07 13.35 6.47
C ILE A 45 6.95 12.91 5.53
N ILE A 46 6.04 12.07 6.01
CA ILE A 46 4.94 11.55 5.20
C ILE A 46 3.71 12.38 5.52
N LYS A 47 3.35 13.30 4.61
CA LYS A 47 2.22 14.18 4.83
C LYS A 47 0.88 13.51 4.52
N HIS A 48 0.90 12.46 3.70
CA HIS A 48 -0.33 11.78 3.27
C HIS A 48 -0.13 10.27 3.35
N PRO A 49 -0.31 9.69 4.54
CA PRO A 49 -0.12 8.24 4.68
C PRO A 49 -1.19 7.46 3.95
N MET A 50 -0.82 6.23 3.56
CA MET A 50 -1.74 5.35 2.86
C MET A 50 -1.33 3.91 3.11
N ASP A 51 -2.33 3.02 3.09
CA ASP A 51 -2.14 1.61 3.33
C ASP A 51 -3.31 0.86 2.74
N LEU A 52 -3.19 -0.48 2.71
CA LEU A 52 -4.17 -1.30 2.00
C LEU A 52 -5.52 -1.31 2.71
N SER A 53 -5.54 -1.32 4.05
CA SER A 53 -6.81 -1.24 4.75
C SER A 53 -7.53 0.06 4.41
N THR A 54 -6.78 1.15 4.23
CA THR A 54 -7.41 2.41 3.86
C THR A 54 -7.94 2.36 2.44
N VAL A 55 -7.15 1.79 1.51
CA VAL A 55 -7.62 1.63 0.14
C VAL A 55 -8.88 0.78 0.11
N LYS A 56 -8.94 -0.26 0.96
CA LYS A 56 -10.10 -1.15 0.98
C LYS A 56 -11.35 -0.42 1.45
N ARG A 57 -11.23 0.38 2.52
CA ARG A 57 -12.40 1.06 3.04
C ARG A 57 -12.90 2.12 2.06
N LYS A 58 -11.98 2.76 1.34
CA LYS A 58 -12.40 3.71 0.31
C LYS A 58 -13.09 3.00 -0.84
N MET A 59 -12.53 1.88 -1.29
CA MET A 59 -13.17 1.09 -2.34
C MET A 59 -14.54 0.61 -1.89
N ASP A 60 -14.61 0.01 -0.70
CA ASP A 60 -15.90 -0.43 -0.17
C ASP A 60 -16.85 0.74 0.00
N GLY A 61 -16.34 1.91 0.38
CA GLY A 61 -17.16 3.10 0.47
C GLY A 61 -17.52 3.73 -0.85
N ARG A 62 -17.09 3.14 -1.96
CA ARG A 62 -17.30 3.68 -3.31
C ARG A 62 -16.78 5.12 -3.38
N GLU A 63 -15.56 5.31 -2.90
CA GLU A 63 -14.96 6.64 -2.85
C GLU A 63 -14.00 6.91 -4.01
N TYR A 64 -13.68 5.91 -4.83
CA TYR A 64 -12.80 6.13 -5.96
C TYR A 64 -13.63 6.52 -7.18
N PRO A 65 -13.35 7.66 -7.82
CA PRO A 65 -14.13 8.03 -9.01
C PRO A 65 -13.83 7.17 -10.21
N ASP A 66 -12.62 6.62 -10.33
CA ASP A 66 -12.24 5.78 -11.44
C ASP A 66 -11.06 4.91 -11.01
N ALA A 67 -10.64 4.02 -11.92
CA ALA A 67 -9.48 3.18 -11.63
C ALA A 67 -8.23 4.02 -11.43
N GLN A 68 -8.17 5.21 -12.01
CA GLN A 68 -6.97 6.04 -11.90
C GLN A 68 -6.79 6.55 -10.47
N GLY A 69 -7.89 6.84 -9.77
CA GLY A 69 -7.76 7.27 -8.38
C GLY A 69 -7.35 6.12 -7.46
N PHE A 70 -7.83 4.91 -7.75
CA PHE A 70 -7.37 3.74 -7.02
C PHE A 70 -5.87 3.56 -7.17
N ALA A 71 -5.37 3.64 -8.41
CA ALA A 71 -3.95 3.46 -8.65
C ALA A 71 -3.12 4.56 -7.97
N ALA A 72 -3.66 5.78 -7.89
CA ALA A 72 -2.92 6.87 -7.28
C ALA A 72 -2.70 6.63 -5.79
N ASP A 73 -3.69 6.04 -5.13
CA ASP A 73 -3.55 5.71 -3.71
C ASP A 73 -2.57 4.57 -3.50
N VAL A 74 -2.64 3.53 -4.33
CA VAL A 74 -1.71 2.41 -4.18
C VAL A 74 -0.28 2.90 -4.37
N ARG A 75 -0.05 3.75 -5.38
CA ARG A 75 1.31 4.22 -5.63
C ARG A 75 1.76 5.22 -4.57
N LEU A 76 0.83 5.97 -3.99
CA LEU A 76 1.16 6.79 -2.84
C LEU A 76 1.67 5.95 -1.69
N MET A 77 1.00 4.83 -1.42
CA MET A 77 1.47 3.87 -0.41
C MET A 77 2.90 3.45 -0.65
N PHE A 78 3.22 3.01 -1.88
CA PHE A 78 4.60 2.64 -2.18
C PHE A 78 5.54 3.84 -2.09
N SER A 79 5.10 4.99 -2.60
N SER A 79 5.10 5.00 -2.59
CA SER A 79 5.96 6.17 -2.62
CA SER A 79 6.00 6.15 -2.62
C SER A 79 6.33 6.62 -1.22
C SER A 79 6.32 6.67 -1.22
N ASN A 80 5.38 6.59 -0.29
CA ASN A 80 5.67 6.98 1.09
C ASN A 80 6.76 6.08 1.66
N CYS A 81 6.71 4.79 1.32
CA CYS A 81 7.70 3.84 1.84
C CYS A 81 9.08 4.14 1.28
N TYR A 82 9.17 4.40 -0.03
CA TYR A 82 10.47 4.77 -0.61
C TYR A 82 10.94 6.13 -0.10
N LYS A 83 10.00 7.03 0.20
CA LYS A 83 10.39 8.36 0.66
C LYS A 83 10.95 8.32 2.08
N TYR A 84 10.32 7.57 2.97
CA TYR A 84 10.71 7.62 4.37
C TYR A 84 11.96 6.79 4.66
N ASN A 85 12.11 5.63 4.00
CA ASN A 85 13.11 4.65 4.43
C ASN A 85 14.36 4.73 3.56
N PRO A 86 15.52 4.33 4.09
CA PRO A 86 16.71 4.28 3.25
C PRO A 86 16.56 3.24 2.16
N PRO A 87 17.19 3.45 1.01
CA PRO A 87 16.94 2.55 -0.14
C PRO A 87 17.29 1.10 0.13
N ASP A 88 18.23 0.83 1.03
CA ASP A 88 18.63 -0.53 1.33
C ASP A 88 17.73 -1.21 2.37
N HIS A 89 16.67 -0.56 2.84
CA HIS A 89 15.86 -1.13 3.90
C HIS A 89 15.04 -2.31 3.38
N GLU A 90 14.85 -3.31 4.25
CA GLU A 90 14.11 -4.49 3.83
C GLU A 90 12.67 -4.15 3.48
N VAL A 91 12.06 -3.16 4.14
CA VAL A 91 10.69 -2.82 3.81
C VAL A 91 10.59 -2.18 2.42
N VAL A 92 11.67 -1.57 1.95
CA VAL A 92 11.70 -1.03 0.59
C VAL A 92 11.75 -2.16 -0.43
N ALA A 93 12.53 -3.21 -0.14
CA ALA A 93 12.52 -4.39 -1.00
C ALA A 93 11.14 -5.05 -1.00
N MET A 94 10.45 -5.05 0.14
CA MET A 94 9.11 -5.63 0.19
C MET A 94 8.12 -4.78 -0.60
N ALA A 95 8.23 -3.45 -0.51
CA ALA A 95 7.36 -2.57 -1.30
C ALA A 95 7.55 -2.82 -2.80
N ARG A 96 8.80 -2.97 -3.24
CA ARG A 96 9.07 -3.17 -4.67
C ARG A 96 8.50 -4.49 -5.16
N LYS A 97 8.56 -5.53 -4.33
CA LYS A 97 7.97 -6.81 -4.68
C LYS A 97 6.45 -6.69 -4.82
N LEU A 98 5.80 -6.07 -3.83
CA LEU A 98 4.36 -5.88 -3.90
C LEU A 98 3.98 -4.94 -5.04
N GLN A 99 4.79 -3.90 -5.29
CA GLN A 99 4.48 -3.01 -6.40
C GLN A 99 4.60 -3.73 -7.74
N ASP A 100 5.53 -4.68 -7.85
CA ASP A 100 5.61 -5.49 -9.06
C ASP A 100 4.33 -6.28 -9.27
N VAL A 101 3.76 -6.82 -8.19
CA VAL A 101 2.48 -7.50 -8.29
C VAL A 101 1.40 -6.52 -8.74
N PHE A 102 1.37 -5.32 -8.15
CA PHE A 102 0.31 -4.37 -8.48
C PHE A 102 0.41 -3.89 -9.93
N GLU A 103 1.58 -3.40 -10.33
CA GLU A 103 1.71 -2.82 -11.67
C GLU A 103 1.40 -3.85 -12.75
N MET A 104 1.78 -5.11 -12.52
CA MET A 104 1.53 -6.15 -13.52
C MET A 104 0.04 -6.43 -13.67
N ARG A 105 -0.67 -6.59 -12.56
CA ARG A 105 -2.11 -6.82 -12.64
C ARG A 105 -2.84 -5.58 -13.17
N PHE A 106 -2.42 -4.39 -12.74
CA PHE A 106 -3.10 -3.18 -13.17
C PHE A 106 -2.93 -2.96 -14.67
N ALA A 107 -1.74 -3.21 -15.19
CA ALA A 107 -1.49 -3.03 -16.61
C ALA A 107 -2.33 -3.98 -17.45
N LYS A 108 -2.65 -5.16 -16.92
CA LYS A 108 -3.41 -6.15 -17.66
C LYS A 108 -4.92 -5.99 -17.50
N MET A 109 -5.37 -4.87 -16.93
CA MET A 109 -6.79 -4.61 -16.78
C MET A 109 -7.48 -4.52 -18.14
N PRO A 110 -8.50 -5.34 -18.40
CA PRO A 110 -9.22 -5.28 -19.67
C PRO A 110 -9.99 -3.97 -19.82
N HIS B 1 16.80 5.29 15.06
CA HIS B 1 15.86 6.10 14.30
C HIS B 1 15.35 5.33 13.08
N ARG B 2 16.06 4.27 12.70
CA ARG B 2 15.66 3.44 11.56
C ARG B 2 14.48 2.52 11.92
N VAL B 4 12.28 -0.61 12.48
CA VAL B 4 12.55 -2.03 12.74
C VAL B 4 11.22 -2.78 12.64
N LEU B 5 11.12 -3.63 11.62
CA LEU B 5 9.83 -4.25 11.30
C LEU B 5 9.33 -5.14 12.43
N ARG B 6 10.23 -5.94 13.02
CA ARG B 6 9.81 -6.83 14.11
C ARG B 6 9.28 -6.05 15.31
N ASP B 7 9.61 -4.76 15.44
CA ASP B 7 9.09 -3.94 16.53
C ASP B 7 7.61 -3.63 16.38
N ASN B 8 7.01 -3.96 15.22
CA ASN B 8 5.58 -3.77 15.04
C ASN B 8 4.78 -4.66 15.97
N TYR B 9 5.36 -5.76 16.43
CA TYR B 9 4.67 -6.67 17.32
C TYR B 9 5.52 -6.92 18.56
#